data_2PO2
#
_entry.id   2PO2
#
_cell.length_a   93.498
_cell.length_b   93.498
_cell.length_c   125.714
_cell.angle_alpha   90.00
_cell.angle_beta   90.00
_cell.angle_gamma   120.00
#
_symmetry.space_group_name_H-M   'P 3 2 1'
#
loop_
_entity.id
_entity.type
_entity.pdbx_description
1 polymer 'Probable exosome complex exonuclease 1'
2 polymer 'Probable exosome complex exonuclease 2'
3 non-polymer "CYTIDINE-5'-DIPHOSPHATE"
4 non-polymer (4S)-2-METHYL-2,4-PENTANEDIOL
5 water water
#
loop_
_entity_poly.entity_id
_entity_poly.type
_entity_poly.pdbx_seq_one_letter_code
_entity_poly.pdbx_strand_id
1 'polypeptide(L)'
;MMEKPEGLKLIDENGRRIDGRKKYELRPIKMEVGVLKNANGSAYIEWGKNKIIAAVYGPRELHPKHLQRPDRAILRVRYN
MAPFSVEERKKPGPDRRSIEISKVIKGALEPALILEMFPRTAIDVFIEVLQADAGTRVAGITAASLALADAGIPMRDLVA
ACAAGKIEGEIVLDLNKEEDNYGEADVPVAIMPLKNDITLLQMDGYLTKDEFIEAVKLAIKGAKAVYQKQREALKEKYLK
IAQEVEGSE
;
A
2 'polypeptide(L)'
;GSHMSDNEIVAGIMRDHIINLLKEGKRIDDRGFEDYRPIEIEVGVIEKAEGSALVKLGSTQVLVGIKTSLGEPFPDTPNM
GVMTTNVELVPLASPTFEPGPPDERAIELARVIDRGIRESKALNLEKMVIVPGKIVRVVFIDVHVLDHDGNLMDAIGIAA
IAALLNARVPKVRYNEETGEVETLDETEPLPVEKIPVPVTFAKIGNILVVDPSLDEELVMDGKITITTDETGHISAVQKS
EGGAFKLEEVMYAVETAFKKAEEIRKLILEAVEKAKQ
;
B
#
# COMPACT_ATOMS: atom_id res chain seq x y z
N LYS A 9 -8.42 30.14 13.07
CA LYS A 9 -9.25 30.51 11.88
C LYS A 9 -9.34 29.38 10.84
N LEU A 10 -10.53 28.79 10.63
CA LEU A 10 -11.56 28.55 11.67
C LEU A 10 -12.02 27.07 11.52
N ILE A 11 -11.44 26.20 12.34
CA ILE A 11 -11.68 24.74 12.23
C ILE A 11 -13.10 24.36 12.68
N ASP A 12 -13.71 25.22 13.51
CA ASP A 12 -15.13 25.19 13.88
C ASP A 12 -15.81 26.43 13.32
N GLU A 13 -16.97 26.26 12.68
CA GLU A 13 -17.94 27.35 12.34
C GLU A 13 -18.70 27.27 11.01
N ASN A 14 -20.05 27.34 11.10
CA ASN A 14 -20.77 27.67 12.36
C ASN A 14 -22.14 26.99 12.60
N GLY A 15 -22.22 25.96 13.46
CA GLY A 15 -21.10 25.39 14.26
C GLY A 15 -20.44 24.16 13.65
N ARG A 16 -20.37 24.16 12.33
CA ARG A 16 -19.87 23.05 11.57
C ARG A 16 -18.35 23.09 11.52
N ARG A 17 -17.78 22.05 10.95
CA ARG A 17 -16.34 21.97 10.88
C ARG A 17 -15.90 22.13 9.45
N ILE A 18 -14.61 22.07 9.21
CA ILE A 18 -14.07 22.34 7.87
C ILE A 18 -14.72 21.50 6.74
N ASP A 19 -15.00 20.24 7.00
CA ASP A 19 -15.61 19.35 6.04
C ASP A 19 -17.14 19.38 6.16
N GLY A 20 -17.60 20.26 7.05
CA GLY A 20 -19.00 20.51 7.27
C GLY A 20 -19.66 19.68 8.34
N ARG A 21 -18.88 18.89 9.07
CA ARG A 21 -19.48 18.05 10.08
C ARG A 21 -19.67 18.75 11.42
N LYS A 22 -20.54 18.18 12.23
CA LYS A 22 -20.82 18.73 13.53
C LYS A 22 -19.68 18.26 14.40
N LYS A 23 -19.64 18.71 15.65
CA LYS A 23 -18.46 18.40 16.42
C LYS A 23 -18.45 17.02 17.09
N TYR A 24 -19.51 16.26 16.91
CA TYR A 24 -19.58 14.93 17.49
C TYR A 24 -19.79 13.93 16.42
N GLU A 25 -19.53 14.40 15.21
CA GLU A 25 -19.63 13.59 14.04
C GLU A 25 -18.37 12.87 13.68
N LEU A 26 -18.55 11.65 13.20
CA LEU A 26 -17.51 10.87 12.60
C LEU A 26 -17.39 11.11 11.10
N ARG A 27 -16.17 10.95 10.55
CA ARG A 27 -15.96 10.99 9.09
C ARG A 27 -16.54 9.69 8.52
N PRO A 28 -16.87 9.65 7.21
CA PRO A 28 -17.36 8.40 6.57
C PRO A 28 -16.38 7.23 6.74
N ILE A 29 -16.82 6.18 7.43
CA ILE A 29 -15.96 5.05 7.73
C ILE A 29 -16.49 3.90 6.91
N LYS A 30 -15.64 3.33 6.05
CA LYS A 30 -15.90 2.05 5.40
C LYS A 30 -14.96 1.01 5.97
N MET A 31 -15.44 -0.23 6.11
CA MET A 31 -14.55 -1.33 6.54
C MET A 31 -14.88 -2.66 5.88
N GLU A 32 -13.86 -3.28 5.34
CA GLU A 32 -14.02 -4.55 4.70
C GLU A 32 -13.04 -5.47 5.41
N VAL A 33 -13.44 -6.70 5.64
CA VAL A 33 -12.65 -7.76 6.22
C VAL A 33 -12.24 -8.78 5.14
N GLY A 34 -11.07 -9.40 5.30
CA GLY A 34 -10.61 -10.43 4.38
C GLY A 34 -10.26 -9.97 2.98
N VAL A 35 -9.36 -8.99 2.90
CA VAL A 35 -8.97 -8.38 1.62
C VAL A 35 -7.64 -8.90 1.04
N LEU A 36 -6.95 -9.73 1.80
CA LEU A 36 -5.66 -10.19 1.41
C LEU A 36 -5.67 -11.72 1.42
N LYS A 37 -5.12 -12.31 0.35
CA LYS A 37 -4.84 -13.72 0.21
C LYS A 37 -3.74 -14.23 1.17
N ASN A 38 -2.61 -13.55 1.28
CA ASN A 38 -1.47 -14.10 2.04
C ASN A 38 -1.72 -14.00 3.56
N ALA A 39 -2.16 -12.85 4.00
CA ALA A 39 -2.39 -12.73 5.44
C ALA A 39 -3.36 -13.82 5.93
N ASN A 40 -3.25 -14.20 7.19
CA ASN A 40 -4.23 -15.09 7.82
C ASN A 40 -5.49 -14.34 8.09
N GLY A 41 -5.36 -13.05 8.29
CA GLY A 41 -6.51 -12.22 8.47
C GLY A 41 -6.15 -10.86 7.92
N SER A 42 -7.14 -10.20 7.34
CA SER A 42 -6.96 -8.84 6.82
C SER A 42 -8.24 -8.03 6.90
N ALA A 43 -8.09 -6.71 6.91
CA ALA A 43 -9.21 -5.80 6.95
C ALA A 43 -8.66 -4.63 6.19
N TYR A 44 -9.53 -3.92 5.49
CA TYR A 44 -9.27 -2.62 4.94
C TYR A 44 -10.19 -1.59 5.57
N ILE A 45 -9.66 -0.40 5.82
CA ILE A 45 -10.51 0.63 6.42
C ILE A 45 -10.34 1.95 5.71
N GLU A 46 -11.44 2.54 5.28
CA GLU A 46 -11.45 3.89 4.83
C GLU A 46 -12.15 4.64 5.91
N TRP A 47 -11.43 5.54 6.54
CA TRP A 47 -11.96 6.38 7.58
C TRP A 47 -11.63 7.84 7.19
N GLY A 48 -12.65 8.54 6.70
CA GLY A 48 -12.41 9.80 6.05
C GLY A 48 -11.44 9.56 4.92
N LYS A 49 -10.34 10.31 4.95
CA LYS A 49 -9.35 10.24 3.90
C LYS A 49 -8.26 9.24 4.21
N ASN A 50 -8.35 8.60 5.36
CA ASN A 50 -7.50 7.47 5.69
C ASN A 50 -7.86 6.27 4.86
N LYS A 51 -6.82 5.54 4.46
CA LYS A 51 -6.98 4.28 3.77
C LYS A 51 -5.92 3.45 4.35
N ILE A 52 -6.33 2.45 5.12
CA ILE A 52 -5.38 1.69 5.97
C ILE A 52 -5.72 0.23 5.83
N ILE A 53 -4.68 -0.57 5.71
CA ILE A 53 -4.87 -2.01 5.56
C ILE A 53 -4.20 -2.69 6.75
N ALA A 54 -4.90 -3.60 7.39
CA ALA A 54 -4.33 -4.43 8.46
C ALA A 54 -4.26 -5.87 7.99
N ALA A 55 -3.15 -6.54 8.26
CA ALA A 55 -3.01 -7.95 8.03
C ALA A 55 -2.56 -8.59 9.35
N VAL A 56 -2.94 -9.85 9.56
CA VAL A 56 -2.43 -10.67 10.64
C VAL A 56 -1.81 -11.91 10.09
N TYR A 57 -0.66 -12.29 10.64
CA TYR A 57 -0.12 -13.68 10.57
C TYR A 57 0.18 -14.04 12.00
N GLY A 58 0.01 -15.24 12.54
CA GLY A 58 -0.72 -16.35 12.06
C GLY A 58 -1.80 -16.65 13.10
N PRO A 59 -1.46 -17.25 14.29
CA PRO A 59 -0.28 -17.65 15.07
C PRO A 59 0.68 -18.46 14.29
N ARG A 60 1.95 -18.08 14.35
CA ARG A 60 2.96 -18.74 13.55
C ARG A 60 4.18 -19.07 14.35
N GLU A 61 4.86 -20.12 13.91
CA GLU A 61 6.21 -20.45 14.35
C GLU A 61 6.93 -19.13 14.60
N LEU A 62 7.40 -18.95 15.83
CA LEU A 62 8.13 -17.76 16.18
C LEU A 62 9.58 -18.00 15.94
N HIS A 63 10.19 -17.10 15.19
CA HIS A 63 11.62 -16.98 15.13
C HIS A 63 12.13 -15.59 15.38
N PRO A 64 13.20 -15.49 16.15
CA PRO A 64 14.03 -16.62 16.56
C PRO A 64 13.58 -17.34 17.79
N LYS A 65 13.89 -18.62 17.87
CA LYS A 65 13.30 -19.51 18.85
C LYS A 65 13.54 -19.10 20.26
N HIS A 66 14.10 -17.93 20.48
CA HIS A 66 14.37 -17.49 21.82
C HIS A 66 13.41 -16.44 22.26
N LEU A 67 12.85 -15.75 21.30
CA LEU A 67 11.69 -14.90 21.47
C LEU A 67 10.47 -15.58 22.01
N GLN A 68 10.39 -16.89 21.92
CA GLN A 68 9.17 -17.54 22.25
C GLN A 68 8.92 -17.41 23.71
N ARG A 69 7.68 -17.14 24.07
CA ARG A 69 7.19 -17.33 25.44
C ARG A 69 6.63 -18.74 25.57
N PRO A 70 6.91 -19.41 26.73
CA PRO A 70 6.57 -20.80 26.81
C PRO A 70 5.08 -21.02 27.09
N ASP A 71 4.43 -20.00 27.64
CA ASP A 71 3.04 -20.13 28.03
C ASP A 71 2.01 -19.37 27.12
N ARG A 72 2.51 -18.70 26.08
CA ARG A 72 1.67 -17.77 25.32
C ARG A 72 2.32 -17.29 24.04
N ALA A 73 1.47 -16.90 23.11
CA ALA A 73 1.88 -16.23 21.90
C ALA A 73 2.43 -14.83 22.28
N ILE A 74 3.27 -14.25 21.43
CA ILE A 74 3.61 -12.82 21.58
C ILE A 74 2.90 -12.08 20.47
N LEU A 75 2.48 -10.85 20.74
CA LEU A 75 1.89 -9.95 19.74
C LEU A 75 2.97 -9.06 19.19
N ARG A 76 3.08 -8.97 17.89
CA ARG A 76 4.05 -8.05 17.34
C ARG A 76 3.25 -7.23 16.41
N VAL A 77 3.43 -5.92 16.49
CA VAL A 77 2.71 -4.95 15.66
C VAL A 77 3.68 -4.08 14.90
N ARG A 78 3.44 -3.94 13.62
CA ARG A 78 4.19 -2.98 12.83
C ARG A 78 3.24 -2.05 12.10
N TYR A 79 3.36 -0.79 12.42
CA TYR A 79 2.56 0.24 11.82
C TYR A 79 3.51 0.96 10.90
N ASN A 80 3.06 1.28 9.72
CA ASN A 80 3.93 1.84 8.69
C ASN A 80 3.04 2.66 7.77
N MET A 81 3.55 3.80 7.30
CA MET A 81 2.89 4.64 6.35
C MET A 81 3.63 4.49 5.03
N ALA A 82 2.89 4.27 3.95
CA ALA A 82 3.48 4.32 2.62
C ALA A 82 4.03 5.74 2.34
N PRO A 83 5.08 5.82 1.51
CA PRO A 83 5.65 7.09 1.17
C PRO A 83 4.63 8.10 0.59
N PHE A 84 3.64 7.61 -0.12
CA PHE A 84 2.58 8.39 -0.73
C PHE A 84 1.37 8.65 0.17
N SER A 85 1.44 8.22 1.43
CA SER A 85 0.29 8.35 2.36
C SER A 85 0.08 9.75 2.89
N VAL A 86 1.14 10.53 2.88
CA VAL A 86 1.10 11.82 3.53
C VAL A 86 1.30 12.92 2.51
N GLU A 87 1.11 14.19 2.88
CA GLU A 87 1.30 15.29 1.92
C GLU A 87 2.74 15.41 1.43
N GLU A 88 3.67 15.44 2.40
CA GLU A 88 5.13 15.41 2.14
C GLU A 88 5.64 13.98 2.20
N ARG A 89 5.92 13.46 1.02
CA ARG A 89 6.39 12.09 0.85
C ARG A 89 7.36 11.67 1.98
N LYS A 90 6.89 10.70 2.77
CA LYS A 90 7.63 10.05 3.83
C LYS A 90 8.61 9.07 3.21
N LYS A 91 9.92 9.33 3.33
CA LYS A 91 10.94 8.34 3.03
C LYS A 91 10.56 6.95 3.55
N PRO A 92 10.71 5.90 2.79
CA PRO A 92 10.39 4.61 3.35
C PRO A 92 11.16 4.24 4.60
N GLY A 93 10.49 3.56 5.51
CA GLY A 93 11.15 2.93 6.64
C GLY A 93 10.51 3.29 7.96
N PRO A 94 11.12 2.84 9.06
CA PRO A 94 10.64 3.16 10.40
C PRO A 94 11.10 4.54 10.85
N ASP A 95 10.23 5.25 11.57
CA ASP A 95 10.62 6.40 12.30
C ASP A 95 10.08 6.37 13.69
N ARG A 96 10.58 7.21 14.56
CA ARG A 96 10.20 7.26 15.96
C ARG A 96 8.73 7.25 16.07
N ARG A 97 8.04 8.11 15.32
CA ARG A 97 6.59 8.10 15.32
C ARG A 97 6.00 6.76 15.09
N SER A 98 6.27 6.11 13.97
CA SER A 98 5.68 4.81 13.63
CA SER A 98 5.65 4.83 13.64
C SER A 98 6.04 3.73 14.64
N ILE A 99 7.16 3.91 15.33
CA ILE A 99 7.64 2.91 16.25
C ILE A 99 6.90 3.04 17.51
N GLU A 100 6.67 4.28 17.93
CA GLU A 100 5.82 4.47 19.10
C GLU A 100 4.41 4.06 18.78
N ILE A 101 3.91 4.34 17.58
CA ILE A 101 2.51 4.01 17.25
C ILE A 101 2.39 2.47 17.24
N SER A 102 3.39 1.81 16.71
CA SER A 102 3.42 0.34 16.75
C SER A 102 3.37 -0.19 18.20
N LYS A 103 4.09 0.45 19.12
CA LYS A 103 4.18 -0.02 20.49
C LYS A 103 2.82 0.12 21.17
N VAL A 104 2.14 1.17 20.78
CA VAL A 104 0.95 1.64 21.41
C VAL A 104 -0.30 0.93 20.82
N ILE A 105 -0.27 0.59 19.52
CA ILE A 105 -1.24 -0.34 18.93
C ILE A 105 -1.10 -1.78 19.52
N LYS A 106 0.12 -2.32 19.62
CA LYS A 106 0.33 -3.57 20.31
C LYS A 106 -0.31 -3.60 21.71
N GLY A 107 -0.13 -2.53 22.45
CA GLY A 107 -0.52 -2.50 23.83
C GLY A 107 -2.02 -2.34 23.92
N ALA A 108 -2.65 -2.11 22.76
CA ALA A 108 -4.09 -1.92 22.58
C ALA A 108 -4.76 -3.21 22.16
N LEU A 109 -4.04 -4.00 21.38
CA LEU A 109 -4.56 -5.26 20.87
C LEU A 109 -4.37 -6.40 21.86
N GLU A 110 -3.24 -6.34 22.54
CA GLU A 110 -2.83 -7.35 23.44
C GLU A 110 -3.87 -7.81 24.44
N PRO A 111 -4.47 -6.86 25.18
CA PRO A 111 -5.41 -7.30 26.19
C PRO A 111 -6.61 -8.01 25.58
N ALA A 112 -6.89 -7.82 24.28
CA ALA A 112 -8.08 -8.41 23.67
C ALA A 112 -7.85 -9.80 23.25
N LEU A 113 -6.59 -10.21 23.23
CA LEU A 113 -6.17 -11.49 22.70
C LEU A 113 -5.93 -12.45 23.82
N ILE A 114 -6.42 -13.67 23.65
CA ILE A 114 -6.16 -14.79 24.59
C ILE A 114 -4.86 -15.50 24.17
N LEU A 115 -3.74 -14.85 24.53
CA LEU A 115 -2.40 -15.18 24.03
C LEU A 115 -1.90 -16.55 24.49
N GLU A 116 -2.40 -17.00 25.63
CA GLU A 116 -1.98 -18.28 26.21
C GLU A 116 -2.53 -19.45 25.40
N MET A 117 -3.43 -19.13 24.49
CA MET A 117 -4.05 -20.12 23.60
C MET A 117 -3.10 -20.67 22.59
N PHE A 118 -2.04 -19.92 22.32
CA PHE A 118 -1.11 -20.36 21.31
C PHE A 118 0.30 -20.11 21.82
N PRO A 119 0.74 -20.85 22.86
CA PRO A 119 2.14 -20.71 23.32
C PRO A 119 3.22 -20.95 22.22
N ARG A 120 4.28 -20.13 22.27
CA ARG A 120 5.55 -20.28 21.52
C ARG A 120 5.43 -19.69 20.12
N THR A 121 4.32 -19.01 19.90
CA THR A 121 4.03 -18.45 18.60
C THR A 121 4.07 -16.92 18.64
N ALA A 122 4.03 -16.30 17.46
CA ALA A 122 3.87 -14.87 17.38
C ALA A 122 2.54 -14.60 16.68
N ILE A 123 1.81 -13.57 17.11
CA ILE A 123 0.76 -13.08 16.27
C ILE A 123 1.26 -11.75 15.74
N ASP A 124 1.55 -11.73 14.45
CA ASP A 124 2.13 -10.57 13.76
C ASP A 124 1.09 -9.73 13.08
N VAL A 125 1.01 -8.47 13.50
CA VAL A 125 0.03 -7.57 13.01
C VAL A 125 0.69 -6.46 12.21
N PHE A 126 0.26 -6.31 10.99
CA PHE A 126 0.79 -5.22 10.21
C PHE A 126 -0.26 -4.22 9.94
N ILE A 127 0.06 -2.95 10.12
CA ILE A 127 -0.86 -1.86 9.74
C ILE A 127 -0.20 -1.01 8.72
N GLU A 128 -0.80 -0.97 7.52
CA GLU A 128 -0.25 -0.11 6.48
C GLU A 128 -1.16 1.06 6.19
N VAL A 129 -0.61 2.25 6.39
CA VAL A 129 -1.37 3.43 6.09
C VAL A 129 -1.08 3.80 4.70
N LEU A 130 -2.10 3.65 3.84
CA LEU A 130 -1.93 3.90 2.43
C LEU A 130 -2.19 5.36 2.09
N GLN A 131 -3.03 5.99 2.91
CA GLN A 131 -3.30 7.40 2.90
C GLN A 131 -3.78 7.74 4.31
N ALA A 132 -3.42 8.94 4.77
CA ALA A 132 -3.46 9.30 6.16
C ALA A 132 -4.04 10.67 6.19
N ASP A 133 -4.85 10.93 7.22
CA ASP A 133 -5.48 12.22 7.38
C ASP A 133 -5.89 12.37 8.83
N ALA A 134 -4.95 12.06 9.72
CA ALA A 134 -5.19 11.98 11.16
C ALA A 134 -6.05 10.79 11.54
N GLY A 135 -5.79 10.25 12.72
CA GLY A 135 -6.56 9.11 13.16
C GLY A 135 -6.17 7.77 12.61
N THR A 136 -4.95 7.65 12.04
CA THR A 136 -4.47 6.41 11.52
C THR A 136 -4.26 5.38 12.64
N ARG A 137 -3.64 5.75 13.76
CA ARG A 137 -3.42 4.78 14.78
C ARG A 137 -4.76 4.19 15.25
N VAL A 138 -5.80 4.99 15.40
CA VAL A 138 -7.10 4.44 15.81
C VAL A 138 -7.84 3.74 14.70
N ALA A 139 -7.75 4.26 13.49
CA ALA A 139 -8.29 3.54 12.35
C ALA A 139 -7.59 2.21 12.21
N GLY A 140 -6.27 2.21 12.47
CA GLY A 140 -5.39 1.07 12.33
C GLY A 140 -5.74 -0.04 13.30
N ILE A 141 -5.81 0.32 14.59
CA ILE A 141 -6.29 -0.58 15.62
C ILE A 141 -7.66 -1.14 15.26
N THR A 142 -8.56 -0.28 14.81
CA THR A 142 -9.90 -0.70 14.45
C THR A 142 -9.83 -1.74 13.34
N ALA A 143 -8.86 -1.61 12.43
CA ALA A 143 -8.74 -2.61 11.36
C ALA A 143 -7.98 -3.81 11.83
N ALA A 144 -6.97 -3.61 12.70
CA ALA A 144 -6.21 -4.73 13.24
C ALA A 144 -7.12 -5.75 13.93
N SER A 145 -7.91 -5.32 14.94
CA SER A 145 -9.06 -6.07 15.44
C SER A 145 -9.82 -6.86 14.37
N LEU A 146 -10.32 -6.21 13.34
CA LEU A 146 -11.07 -6.97 12.36
C LEU A 146 -10.19 -8.05 11.72
N ALA A 147 -8.91 -7.72 11.48
CA ALA A 147 -7.99 -8.60 10.81
C ALA A 147 -7.64 -9.79 11.71
N LEU A 148 -7.65 -9.51 13.01
CA LEU A 148 -7.49 -10.51 14.02
C LEU A 148 -8.71 -11.43 14.05
N ALA A 149 -9.91 -10.89 14.27
CA ALA A 149 -11.12 -11.67 14.12
C ALA A 149 -11.08 -12.43 12.78
N ASP A 150 -10.74 -11.76 11.70
CA ASP A 150 -10.60 -12.42 10.40
C ASP A 150 -9.65 -13.63 10.41
N ALA A 151 -8.54 -13.54 11.16
CA ALA A 151 -7.54 -14.60 11.29
C ALA A 151 -8.05 -15.81 12.11
N GLY A 152 -9.26 -15.70 12.67
CA GLY A 152 -9.87 -16.72 13.56
C GLY A 152 -9.21 -16.80 14.93
N ILE A 153 -8.53 -15.73 15.32
CA ILE A 153 -7.86 -15.67 16.60
C ILE A 153 -8.91 -15.34 17.63
N PRO A 154 -9.07 -16.18 18.67
CA PRO A 154 -10.04 -15.80 19.69
C PRO A 154 -9.62 -14.54 20.44
N MET A 155 -10.65 -13.71 20.63
CA MET A 155 -10.55 -12.44 21.27
C MET A 155 -11.61 -12.29 22.32
N ARG A 156 -11.30 -11.55 23.37
CA ARG A 156 -12.25 -11.27 24.44
C ARG A 156 -13.26 -10.25 23.97
N ASP A 157 -12.86 -9.52 22.94
CA ASP A 157 -13.61 -8.39 22.47
C ASP A 157 -12.80 -7.89 21.30
N LEU A 158 -13.50 -7.27 20.36
CA LEU A 158 -12.90 -6.33 19.44
C LEU A 158 -12.29 -5.16 20.23
N VAL A 159 -11.24 -4.60 19.69
CA VAL A 159 -10.77 -3.32 20.20
C VAL A 159 -11.27 -2.29 19.20
N ALA A 160 -11.96 -1.28 19.67
CA ALA A 160 -12.39 -0.22 18.74
C ALA A 160 -11.65 1.01 19.17
N ALA A 161 -11.30 1.86 18.24
CA ALA A 161 -10.60 3.07 18.59
C ALA A 161 -11.09 4.28 17.80
N CYS A 162 -10.85 5.49 18.34
CA CYS A 162 -11.32 6.75 17.71
C CYS A 162 -10.63 7.79 18.54
N ALA A 163 -10.29 8.93 17.92
CA ALA A 163 -9.70 10.02 18.64
C ALA A 163 -10.70 11.10 18.85
N ALA A 164 -10.58 11.78 19.96
CA ALA A 164 -11.30 13.02 20.18
C ALA A 164 -10.19 14.02 20.27
N GLY A 165 -10.54 15.29 20.29
CA GLY A 165 -9.51 16.34 20.26
C GLY A 165 -10.14 17.66 20.60
N LYS A 166 -9.29 18.66 20.74
CA LYS A 166 -9.72 20.03 20.98
C LYS A 166 -9.35 20.83 19.73
N ILE A 167 -10.31 21.61 19.21
CA ILE A 167 -10.05 22.63 18.19
C ILE A 167 -10.88 23.84 18.57
N GLU A 168 -10.26 25.02 18.50
CA GLU A 168 -10.85 26.30 18.94
C GLU A 168 -11.45 26.33 20.33
N GLY A 169 -10.83 25.57 21.23
CA GLY A 169 -11.20 25.57 22.62
C GLY A 169 -12.33 24.60 22.82
N GLU A 170 -12.70 23.93 21.75
CA GLU A 170 -13.91 23.11 21.77
C GLU A 170 -13.56 21.63 21.61
N ILE A 171 -14.13 20.80 22.46
CA ILE A 171 -13.87 19.38 22.31
C ILE A 171 -14.67 18.79 21.16
N VAL A 172 -13.95 18.23 20.20
CA VAL A 172 -14.59 17.59 19.06
C VAL A 172 -14.20 16.14 19.01
N LEU A 173 -14.94 15.42 18.19
CA LEU A 173 -14.70 14.03 17.93
C LEU A 173 -13.86 14.00 16.63
N ASP A 174 -12.92 13.04 16.52
CA ASP A 174 -12.45 12.43 15.27
C ASP A 174 -11.83 13.49 14.40
N LEU A 175 -10.59 13.84 14.73
CA LEU A 175 -9.87 14.94 14.07
C LEU A 175 -9.52 14.52 12.65
N ASN A 176 -9.58 15.47 11.70
CA ASN A 176 -8.94 15.32 10.40
C ASN A 176 -7.52 15.92 10.46
N LYS A 177 -6.74 15.85 9.39
CA LYS A 177 -5.32 16.31 9.50
C LYS A 177 -5.19 17.81 9.89
N GLU A 178 -5.98 18.65 9.23
CA GLU A 178 -6.12 20.06 9.59
C GLU A 178 -6.33 20.25 11.11
N GLU A 179 -7.25 19.49 11.69
CA GLU A 179 -7.70 19.73 13.08
C GLU A 179 -6.63 19.24 14.03
N ASP A 180 -6.00 18.14 13.66
CA ASP A 180 -4.95 17.51 14.45
C ASP A 180 -3.73 18.41 14.39
N ASN A 181 -3.44 18.87 13.17
CA ASN A 181 -2.30 19.73 12.95
C ASN A 181 -2.46 21.04 13.62
N TYR A 182 -3.63 21.65 13.49
CA TYR A 182 -3.80 23.01 13.99
C TYR A 182 -4.61 23.13 15.25
N GLY A 183 -5.04 21.97 15.79
CA GLY A 183 -5.84 21.88 17.02
C GLY A 183 -5.00 22.00 18.27
N GLU A 184 -5.65 21.81 19.44
CA GLU A 184 -4.97 21.96 20.73
C GLU A 184 -4.72 20.66 21.50
N ALA A 185 -5.24 19.55 20.98
CA ALA A 185 -5.13 18.25 21.65
C ALA A 185 -5.58 17.19 20.69
N ASP A 186 -4.91 16.06 20.74
CA ASP A 186 -5.27 14.86 20.04
C ASP A 186 -5.41 13.84 21.14
N VAL A 187 -6.57 13.20 21.23
CA VAL A 187 -6.83 12.20 22.26
C VAL A 187 -7.38 10.93 21.63
N PRO A 188 -6.50 10.04 21.13
CA PRO A 188 -6.88 8.73 20.66
C PRO A 188 -7.17 7.86 21.86
N VAL A 189 -8.20 7.02 21.72
CA VAL A 189 -8.62 6.09 22.74
C VAL A 189 -8.92 4.79 22.02
N ALA A 190 -8.45 3.67 22.56
CA ALA A 190 -8.91 2.38 22.07
C ALA A 190 -9.47 1.72 23.28
N ILE A 191 -10.64 1.13 23.11
CA ILE A 191 -11.32 0.44 24.14
C ILE A 191 -11.75 -0.88 23.58
N MET A 192 -11.92 -1.87 24.45
CA MET A 192 -12.71 -3.03 24.17
C MET A 192 -14.05 -2.68 24.80
N PRO A 193 -15.09 -2.43 23.96
CA PRO A 193 -16.35 -1.79 24.34
C PRO A 193 -17.18 -2.57 25.33
N LEU A 194 -17.25 -3.90 25.17
CA LEU A 194 -18.13 -4.73 25.97
C LEU A 194 -17.91 -4.55 27.47
N LYS A 195 -16.64 -4.49 27.86
CA LYS A 195 -16.30 -4.33 29.26
C LYS A 195 -15.81 -2.92 29.55
N ASN A 196 -15.80 -2.05 28.56
CA ASN A 196 -15.38 -0.65 28.74
C ASN A 196 -13.94 -0.48 29.19
N ASP A 197 -13.04 -1.25 28.58
CA ASP A 197 -11.67 -1.35 29.03
C ASP A 197 -10.86 -0.58 28.05
N ILE A 198 -10.18 0.48 28.51
CA ILE A 198 -9.43 1.33 27.63
C ILE A 198 -8.04 0.71 27.47
N THR A 199 -7.72 0.34 26.23
CA THR A 199 -6.47 -0.34 25.97
C THR A 199 -5.42 0.53 25.29
N LEU A 200 -5.85 1.71 24.84
CA LEU A 200 -5.01 2.77 24.33
C LEU A 200 -5.58 4.07 24.83
N LEU A 201 -4.71 4.91 25.35
CA LEU A 201 -5.11 6.24 25.74
C LEU A 201 -3.91 7.15 25.59
N GLN A 202 -4.01 8.13 24.70
CA GLN A 202 -2.90 9.06 24.52
C GLN A 202 -3.42 10.46 24.44
N MET A 203 -2.60 11.40 24.90
CA MET A 203 -2.99 12.78 24.86
C MET A 203 -1.77 13.55 24.47
N ASP A 204 -1.95 14.29 23.41
CA ASP A 204 -0.91 15.08 22.82
C ASP A 204 -1.54 16.43 22.75
N GLY A 205 -0.84 17.46 23.18
CA GLY A 205 -1.52 18.72 23.30
C GLY A 205 -1.56 19.23 24.73
N TYR A 206 -2.62 19.94 25.07
CA TYR A 206 -2.66 20.66 26.32
C TYR A 206 -4.11 20.85 26.76
N LEU A 207 -4.53 20.15 27.82
CA LEU A 207 -5.88 20.19 28.27
C LEU A 207 -5.86 20.29 29.77
N THR A 208 -6.98 20.77 30.31
CA THR A 208 -7.30 20.69 31.71
C THR A 208 -7.81 19.28 31.95
N LYS A 209 -8.04 18.93 33.21
CA LYS A 209 -8.55 17.60 33.57
C LYS A 209 -9.90 17.37 32.94
N ASP A 210 -10.79 18.36 33.08
CA ASP A 210 -12.16 18.31 32.60
C ASP A 210 -12.21 18.18 31.08
N GLU A 211 -11.32 18.87 30.39
CA GLU A 211 -11.23 18.79 28.93
C GLU A 211 -10.64 17.49 28.50
N PHE A 212 -9.72 16.95 29.29
CA PHE A 212 -9.16 15.67 28.95
C PHE A 212 -10.19 14.55 29.13
N ILE A 213 -10.79 14.46 30.31
CA ILE A 213 -11.85 13.48 30.58
C ILE A 213 -13.01 13.56 29.55
N GLU A 214 -13.42 14.77 29.17
CA GLU A 214 -14.53 14.89 28.25
C GLU A 214 -14.13 14.38 26.86
N ALA A 215 -12.89 14.64 26.48
CA ALA A 215 -12.34 14.13 25.21
C ALA A 215 -12.19 12.61 25.26
N VAL A 216 -11.72 12.09 26.39
CA VAL A 216 -11.68 10.64 26.58
C VAL A 216 -13.05 9.99 26.49
N LYS A 217 -14.08 10.63 27.04
CA LYS A 217 -15.44 10.09 26.97
C LYS A 217 -16.04 10.21 25.58
N LEU A 218 -15.82 11.36 24.94
CA LEU A 218 -16.22 11.57 23.56
C LEU A 218 -15.59 10.56 22.59
N ALA A 219 -14.28 10.36 22.70
CA ALA A 219 -13.58 9.38 21.87
C ALA A 219 -14.07 7.96 22.12
N ILE A 220 -14.51 7.69 23.34
CA ILE A 220 -15.10 6.40 23.63
C ILE A 220 -16.52 6.34 23.01
N LYS A 221 -17.31 7.39 23.04
CA LYS A 221 -18.58 7.29 22.32
C LYS A 221 -18.31 7.08 20.82
N GLY A 222 -17.29 7.73 20.32
CA GLY A 222 -16.86 7.52 18.96
C GLY A 222 -16.43 6.09 18.69
N ALA A 223 -15.62 5.52 19.56
CA ALA A 223 -15.13 4.15 19.39
C ALA A 223 -16.24 3.09 19.51
N LYS A 224 -17.21 3.30 20.39
CA LYS A 224 -18.44 2.48 20.40
C LYS A 224 -19.24 2.44 19.07
N ALA A 225 -19.29 3.55 18.35
CA ALA A 225 -19.87 3.60 17.03
C ALA A 225 -19.05 2.77 16.05
N VAL A 226 -17.73 2.93 16.14
CA VAL A 226 -16.81 2.29 15.25
C VAL A 226 -16.95 0.79 15.42
N TYR A 227 -17.22 0.43 16.66
CA TYR A 227 -17.37 -0.93 17.06
C TYR A 227 -18.57 -1.59 16.37
N GLN A 228 -19.66 -0.84 16.25
CA GLN A 228 -20.85 -1.39 15.64
C GLN A 228 -20.55 -1.69 14.20
N LYS A 229 -19.84 -0.75 13.56
CA LYS A 229 -19.31 -0.88 12.20
C LYS A 229 -18.42 -2.11 12.14
N GLN A 230 -17.62 -2.33 13.15
CA GLN A 230 -16.74 -3.47 13.23
C GLN A 230 -17.48 -4.81 13.24
N ARG A 231 -18.46 -4.92 14.13
CA ARG A 231 -19.36 -6.08 14.21
C ARG A 231 -20.10 -6.29 12.86
N GLU A 232 -20.53 -5.17 12.29
CA GLU A 232 -21.28 -5.17 11.07
C GLU A 232 -20.33 -5.57 9.90
N ALA A 233 -19.03 -5.34 10.04
CA ALA A 233 -18.04 -5.88 9.07
C ALA A 233 -17.76 -7.38 9.25
N LEU A 234 -17.86 -7.84 10.49
CA LEU A 234 -17.76 -9.27 10.75
C LEU A 234 -19.04 -9.96 10.28
N LYS A 235 -20.19 -9.42 10.69
CA LYS A 235 -21.51 -9.91 10.24
C LYS A 235 -21.44 -10.11 8.75
N GLU A 236 -21.18 -9.04 8.02
CA GLU A 236 -21.06 -9.08 6.56
C GLU A 236 -20.16 -10.25 6.07
N LYS A 237 -19.04 -10.49 6.75
CA LYS A 237 -18.17 -11.61 6.40
C LYS A 237 -18.81 -12.93 6.75
N TYR A 238 -19.34 -13.03 7.96
CA TYR A 238 -19.98 -14.27 8.45
C TYR A 238 -21.34 -14.50 7.78
N LEU A 239 -21.61 -13.70 6.73
CA LEU A 239 -22.73 -13.88 5.82
C LEU A 239 -22.24 -14.28 4.43
N LYS A 240 -21.14 -13.71 3.96
CA LYS A 240 -20.50 -14.19 2.73
C LYS A 240 -20.11 -15.68 2.82
N ILE A 241 -19.58 -16.10 3.97
CA ILE A 241 -19.24 -17.52 4.19
C ILE A 241 -20.48 -18.42 4.12
N ALA A 242 -21.65 -17.86 4.42
CA ALA A 242 -22.90 -18.58 4.42
C ALA A 242 -23.29 -19.01 2.99
N GLN A 243 -22.35 -19.72 2.36
CA GLN A 243 -22.42 -20.11 0.96
C GLN A 243 -21.81 -21.50 0.79
N GLU A 244 -22.62 -22.46 0.34
CA GLU A 244 -23.95 -22.19 -0.20
C GLU A 244 -25.06 -22.43 0.83
N ALA B 11 3.87 -28.11 -0.90
CA ALA B 11 4.97 -27.61 -1.77
C ALA B 11 5.95 -28.73 -2.19
N GLY B 12 6.62 -28.54 -3.33
CA GLY B 12 7.59 -29.58 -3.82
C GLY B 12 6.97 -30.90 -4.31
N ILE B 13 5.92 -31.32 -3.60
CA ILE B 13 4.83 -32.16 -4.11
C ILE B 13 4.16 -31.45 -5.29
N MET B 14 4.19 -30.12 -5.21
CA MET B 14 3.47 -29.18 -6.06
C MET B 14 4.22 -28.95 -7.34
N ARG B 15 5.54 -28.99 -7.29
CA ARG B 15 6.39 -28.92 -8.47
C ARG B 15 5.99 -29.98 -9.47
N ASP B 16 5.74 -31.18 -8.96
CA ASP B 16 5.46 -32.35 -9.77
C ASP B 16 4.13 -32.21 -10.47
N HIS B 17 3.14 -31.70 -9.74
CA HIS B 17 1.81 -31.51 -10.26
C HIS B 17 1.86 -30.49 -11.36
N ILE B 18 2.55 -29.39 -11.09
CA ILE B 18 2.70 -28.30 -12.06
C ILE B 18 3.44 -28.70 -13.35
N ILE B 19 4.54 -29.44 -13.24
CA ILE B 19 5.24 -29.93 -14.43
C ILE B 19 4.31 -30.83 -15.21
N ASN B 20 3.78 -31.87 -14.54
CA ASN B 20 2.85 -32.78 -15.16
C ASN B 20 1.70 -32.07 -15.84
N LEU B 21 1.05 -31.14 -15.16
CA LEU B 21 0.01 -30.35 -15.82
C LEU B 21 0.56 -29.65 -17.03
N LEU B 22 1.76 -29.08 -16.91
CA LEU B 22 2.31 -28.33 -18.04
C LEU B 22 2.41 -29.16 -19.28
N LYS B 23 2.73 -30.45 -19.11
CA LYS B 23 2.96 -31.36 -20.21
C LYS B 23 1.67 -31.62 -20.93
N GLU B 24 0.55 -31.29 -20.30
CA GLU B 24 -0.76 -31.51 -20.91
C GLU B 24 -1.41 -30.20 -21.36
N GLY B 25 -0.56 -29.19 -21.56
CA GLY B 25 -0.97 -27.90 -22.05
C GLY B 25 -1.68 -27.10 -20.99
N LYS B 26 -1.69 -27.64 -19.77
CA LYS B 26 -2.51 -27.07 -18.72
C LYS B 26 -1.70 -26.39 -17.65
N ARG B 27 -2.34 -25.43 -17.00
CA ARG B 27 -1.80 -24.75 -15.87
C ARG B 27 -2.79 -24.93 -14.73
N ILE B 28 -2.32 -24.79 -13.48
CA ILE B 28 -3.14 -25.14 -12.35
C ILE B 28 -4.50 -24.45 -12.27
N ASP B 29 -4.58 -23.24 -12.83
CA ASP B 29 -5.82 -22.42 -12.85
C ASP B 29 -6.48 -22.36 -14.25
N ASP B 30 -6.20 -23.35 -15.09
CA ASP B 30 -6.73 -23.46 -16.47
C ASP B 30 -6.44 -22.24 -17.36
N ARG B 31 -5.39 -21.50 -17.02
CA ARG B 31 -4.90 -20.42 -17.89
C ARG B 31 -4.16 -21.11 -19.02
N GLY B 32 -4.06 -20.44 -20.17
CA GLY B 32 -3.21 -20.94 -21.25
C GLY B 32 -1.84 -20.43 -20.89
N PHE B 33 -0.80 -20.92 -21.57
CA PHE B 33 0.58 -20.49 -21.28
C PHE B 33 0.81 -19.01 -21.56
N GLU B 34 -0.04 -18.42 -22.39
CA GLU B 34 0.13 -17.00 -22.78
C GLU B 34 -0.87 -16.10 -22.07
N ASP B 35 -1.66 -16.68 -21.20
CA ASP B 35 -2.66 -15.94 -20.45
C ASP B 35 -2.13 -15.29 -19.16
N TYR B 36 -2.51 -14.02 -18.98
CA TYR B 36 -2.44 -13.31 -17.67
C TYR B 36 -3.63 -13.76 -16.88
N ARG B 37 -3.54 -13.69 -15.55
CA ARG B 37 -4.68 -13.86 -14.69
C ARG B 37 -5.53 -12.63 -14.90
N PRO B 38 -6.74 -12.60 -14.31
CA PRO B 38 -7.56 -11.42 -14.48
C PRO B 38 -6.78 -10.23 -14.00
N ILE B 39 -6.79 -9.13 -14.75
CA ILE B 39 -6.13 -7.88 -14.35
C ILE B 39 -7.16 -6.87 -13.94
N GLU B 40 -6.88 -6.19 -12.83
CA GLU B 40 -7.65 -5.04 -12.43
C GLU B 40 -6.63 -3.94 -12.25
N ILE B 41 -6.83 -2.80 -12.94
CA ILE B 41 -6.02 -1.60 -12.81
C ILE B 41 -6.97 -0.48 -12.32
N GLU B 42 -6.57 0.23 -11.27
CA GLU B 42 -7.38 1.32 -10.78
C GLU B 42 -6.51 2.46 -10.33
N VAL B 43 -6.70 3.55 -11.00
CA VAL B 43 -5.80 4.64 -10.98
C VAL B 43 -6.43 5.71 -10.11
N GLY B 44 -5.60 6.51 -9.41
CA GLY B 44 -6.11 7.69 -8.66
C GLY B 44 -6.78 7.33 -7.35
N VAL B 45 -6.45 6.16 -6.85
CA VAL B 45 -7.05 5.58 -5.64
C VAL B 45 -6.47 6.18 -4.36
N ILE B 46 -5.19 6.64 -4.43
CA ILE B 46 -4.59 7.48 -3.39
C ILE B 46 -4.67 8.99 -3.76
N GLU B 47 -5.74 9.64 -3.30
CA GLU B 47 -6.16 10.88 -3.88
C GLU B 47 -5.25 12.05 -3.49
N LYS B 48 -4.49 11.84 -2.42
CA LYS B 48 -3.55 12.81 -1.93
C LYS B 48 -2.22 12.71 -2.65
N ALA B 49 -1.93 11.57 -3.24
CA ALA B 49 -0.80 11.45 -4.13
C ALA B 49 -1.06 12.24 -5.41
N GLU B 50 0.01 12.51 -6.13
CA GLU B 50 -0.09 13.10 -7.44
C GLU B 50 -0.66 12.07 -8.41
N GLY B 51 -0.29 10.82 -8.24
CA GLY B 51 -0.86 9.78 -9.07
C GLY B 51 -0.79 8.49 -8.35
N SER B 52 -1.61 7.54 -8.74
CA SER B 52 -1.54 6.26 -8.10
C SER B 52 -2.25 5.24 -8.92
N ALA B 53 -1.99 3.99 -8.63
CA ALA B 53 -2.54 2.89 -9.37
C ALA B 53 -2.54 1.69 -8.41
N LEU B 54 -3.71 1.11 -8.24
CA LEU B 54 -3.84 -0.23 -7.67
C LEU B 54 -3.91 -1.22 -8.84
N VAL B 55 -2.90 -2.05 -8.99
CA VAL B 55 -2.99 -3.13 -9.95
C VAL B 55 -3.13 -4.49 -9.22
N LYS B 56 -4.08 -5.30 -9.69
CA LYS B 56 -4.21 -6.70 -9.33
C LYS B 56 -3.93 -7.56 -10.57
N LEU B 57 -2.92 -8.42 -10.45
CA LEU B 57 -2.72 -9.52 -11.36
C LEU B 57 -3.21 -10.78 -10.65
N GLY B 58 -4.45 -11.15 -10.88
CA GLY B 58 -5.04 -12.20 -10.04
C GLY B 58 -5.10 -11.73 -8.59
N SER B 59 -4.51 -12.49 -7.69
CA SER B 59 -4.51 -12.06 -6.32
C SER B 59 -3.26 -11.23 -5.93
N THR B 60 -2.32 -11.08 -6.86
CA THR B 60 -1.15 -10.25 -6.69
C THR B 60 -1.65 -8.80 -6.72
N GLN B 61 -1.30 -7.99 -5.72
CA GLN B 61 -1.79 -6.62 -5.61
C GLN B 61 -0.66 -5.69 -5.38
N VAL B 62 -0.59 -4.64 -6.19
CA VAL B 62 0.40 -3.65 -5.86
C VAL B 62 -0.14 -2.24 -6.02
N LEU B 63 0.04 -1.42 -4.99
CA LEU B 63 -0.22 -0.01 -5.10
C LEU B 63 1.04 0.72 -5.45
N VAL B 64 0.96 1.64 -6.39
CA VAL B 64 2.09 2.52 -6.73
C VAL B 64 1.59 3.90 -6.54
N GLY B 65 2.45 4.75 -5.99
CA GLY B 65 2.03 6.10 -5.66
C GLY B 65 3.04 7.05 -6.25
N ILE B 66 2.59 8.08 -6.91
CA ILE B 66 3.47 9.07 -7.48
C ILE B 66 3.30 10.27 -6.57
N LYS B 67 4.41 10.69 -5.97
CA LYS B 67 4.50 11.92 -5.20
C LYS B 67 5.59 12.71 -5.90
N THR B 68 5.40 14.00 -6.09
CA THR B 68 6.36 14.79 -6.82
C THR B 68 6.69 15.94 -5.93
N SER B 69 7.92 16.40 -6.03
CA SER B 69 8.27 17.64 -5.38
CA SER B 69 8.34 17.59 -5.34
C SER B 69 9.21 18.39 -6.33
N LEU B 70 9.74 19.53 -5.88
CA LEU B 70 10.73 20.25 -6.70
C LEU B 70 12.06 20.19 -5.98
N GLY B 71 13.11 19.87 -6.72
CA GLY B 71 14.43 19.75 -6.11
C GLY B 71 15.51 20.13 -7.08
N GLU B 72 16.76 19.93 -6.71
CA GLU B 72 17.89 20.17 -7.59
C GLU B 72 18.05 18.97 -8.46
N PRO B 73 18.40 19.16 -9.76
CA PRO B 73 18.72 17.97 -10.53
C PRO B 73 20.07 17.44 -10.03
N PHE B 74 20.50 16.30 -10.56
CA PHE B 74 21.79 15.78 -10.19
C PHE B 74 22.81 16.64 -10.91
N PRO B 75 23.98 16.90 -10.30
CA PRO B 75 24.94 17.79 -10.97
C PRO B 75 25.30 17.37 -12.43
N ASP B 76 25.37 16.07 -12.66
CA ASP B 76 25.60 15.48 -14.00
C ASP B 76 24.58 15.92 -15.05
N THR B 77 23.31 16.06 -14.64
CA THR B 77 22.18 16.26 -15.56
C THR B 77 21.29 17.49 -15.23
N PRO B 78 21.84 18.73 -15.35
CA PRO B 78 21.08 19.92 -14.99
C PRO B 78 19.82 20.09 -15.84
N ASN B 79 19.72 19.26 -16.88
CA ASN B 79 18.79 19.33 -17.99
CA ASN B 79 18.66 19.47 -17.86
C ASN B 79 17.55 18.42 -17.87
N MET B 80 17.51 17.62 -16.81
CA MET B 80 16.50 16.58 -16.62
C MET B 80 15.91 16.64 -15.22
N GLY B 81 14.63 16.30 -15.10
CA GLY B 81 14.06 16.10 -13.80
C GLY B 81 14.49 14.77 -13.20
N VAL B 82 13.99 14.48 -11.99
CA VAL B 82 14.45 13.30 -11.25
C VAL B 82 13.33 12.30 -11.19
N MET B 83 13.68 11.03 -11.36
CA MET B 83 12.72 9.98 -11.14
C MET B 83 13.40 8.95 -10.30
N THR B 84 12.72 8.54 -9.26
CA THR B 84 13.30 7.57 -8.35
C THR B 84 12.23 6.55 -8.03
N THR B 85 12.60 5.28 -8.11
CA THR B 85 11.65 4.17 -8.02
C THR B 85 12.03 3.30 -6.84
N ASN B 86 11.08 3.09 -5.96
CA ASN B 86 11.30 2.24 -4.80
C ASN B 86 10.13 1.28 -4.74
N VAL B 87 10.47 0.01 -4.53
CA VAL B 87 9.54 -1.10 -4.22
C VAL B 87 9.68 -1.42 -2.75
N GLU B 88 8.58 -1.24 -1.99
CA GLU B 88 8.47 -1.80 -0.69
C GLU B 88 7.73 -3.12 -0.80
N LEU B 89 8.42 -4.16 -0.37
CA LEU B 89 7.89 -5.51 -0.26
C LEU B 89 7.45 -5.61 1.18
N VAL B 90 6.23 -5.15 1.47
CA VAL B 90 5.82 -4.88 2.86
C VAL B 90 5.55 -6.22 3.48
N PRO B 91 5.93 -6.39 4.74
CA PRO B 91 5.83 -7.71 5.32
C PRO B 91 4.42 -8.29 5.26
N LEU B 92 3.40 -7.43 5.08
CA LEU B 92 2.00 -7.86 5.10
C LEU B 92 1.65 -8.59 3.84
N ALA B 93 2.36 -8.24 2.80
CA ALA B 93 2.18 -8.76 1.47
C ALA B 93 2.56 -10.23 1.26
N SER B 94 3.40 -10.77 2.12
CA SER B 94 3.89 -12.11 1.96
C SER B 94 4.59 -12.48 3.24
N PRO B 95 4.47 -13.75 3.69
CA PRO B 95 5.26 -14.24 4.81
C PRO B 95 6.77 -14.37 4.47
N THR B 96 7.10 -14.20 3.19
CA THR B 96 8.48 -14.16 2.77
C THR B 96 9.04 -12.74 2.76
N PHE B 97 8.17 -11.74 2.99
CA PHE B 97 8.60 -10.32 3.06
C PHE B 97 8.90 -9.97 4.53
N GLU B 98 10.14 -9.60 4.82
CA GLU B 98 10.51 -9.27 6.18
C GLU B 98 10.74 -7.77 6.35
N PRO B 99 10.44 -7.22 7.55
CA PRO B 99 10.74 -5.78 7.61
C PRO B 99 12.25 -5.44 7.41
N GLY B 100 12.50 -4.30 6.74
CA GLY B 100 13.85 -3.73 6.67
C GLY B 100 14.11 -2.93 5.40
N PRO B 101 15.38 -2.56 5.19
CA PRO B 101 15.78 -1.94 3.90
C PRO B 101 15.41 -2.86 2.74
N PRO B 102 15.16 -2.33 1.54
CA PRO B 102 14.90 -3.29 0.44
C PRO B 102 15.85 -4.47 0.41
N ASP B 103 15.29 -5.67 0.23
CA ASP B 103 16.13 -6.80 0.03
C ASP B 103 16.38 -6.81 -1.47
N GLU B 104 17.18 -7.75 -1.97
CA GLU B 104 17.49 -7.85 -3.40
C GLU B 104 16.30 -8.09 -4.26
N ARG B 105 15.28 -8.78 -3.77
CA ARG B 105 14.08 -8.91 -4.62
C ARG B 105 13.50 -7.54 -4.89
N ALA B 106 13.51 -6.69 -3.88
CA ALA B 106 12.84 -5.41 -3.95
C ALA B 106 13.64 -4.52 -4.83
N ILE B 107 14.95 -4.50 -4.58
CA ILE B 107 15.94 -3.78 -5.36
C ILE B 107 15.94 -4.22 -6.80
N GLU B 108 15.95 -5.50 -7.08
CA GLU B 108 15.92 -5.82 -8.53
C GLU B 108 14.61 -5.42 -9.20
N LEU B 109 13.48 -5.50 -8.49
CA LEU B 109 12.18 -5.12 -9.06
C LEU B 109 12.21 -3.62 -9.28
N ALA B 110 12.61 -2.83 -8.27
CA ALA B 110 12.68 -1.39 -8.47
C ALA B 110 13.51 -1.03 -9.68
N ARG B 111 14.72 -1.56 -9.76
CA ARG B 111 15.62 -1.18 -10.81
C ARG B 111 15.10 -1.58 -12.14
N VAL B 112 14.52 -2.76 -12.26
CA VAL B 112 14.05 -3.21 -13.59
C VAL B 112 12.87 -2.39 -14.04
N ILE B 113 12.01 -1.94 -13.12
CA ILE B 113 10.85 -1.18 -13.53
C ILE B 113 11.36 0.20 -13.92
N ASP B 114 12.14 0.80 -13.06
CA ASP B 114 12.71 2.08 -13.38
C ASP B 114 13.33 2.10 -14.78
N ARG B 115 14.22 1.13 -15.08
CA ARG B 115 14.94 1.09 -16.34
C ARG B 115 13.93 1.07 -17.44
N GLY B 116 12.88 0.27 -17.22
CA GLY B 116 11.80 0.13 -18.19
C GLY B 116 11.30 1.51 -18.54
N ILE B 117 10.93 2.26 -17.53
CA ILE B 117 10.38 3.57 -17.69
C ILE B 117 11.44 4.58 -18.14
N ARG B 118 12.53 4.65 -17.38
CA ARG B 118 13.67 5.49 -17.71
C ARG B 118 14.21 5.29 -19.12
N GLU B 119 14.41 4.07 -19.52
CA GLU B 119 15.12 3.90 -20.76
C GLU B 119 14.22 4.00 -21.99
N SER B 120 12.89 3.99 -21.80
CA SER B 120 11.97 4.27 -22.92
C SER B 120 11.70 5.79 -23.02
N LYS B 121 12.36 6.56 -22.15
CA LYS B 121 12.04 7.97 -21.88
C LYS B 121 10.53 8.11 -21.66
N ALA B 122 9.92 7.11 -21.06
CA ALA B 122 8.49 7.08 -20.79
C ALA B 122 8.03 8.19 -19.93
N LEU B 123 8.89 8.60 -18.99
CA LEU B 123 8.69 9.83 -18.26
C LEU B 123 9.79 10.64 -18.82
N ASN B 124 9.42 11.68 -19.56
CA ASN B 124 10.41 12.45 -20.26
C ASN B 124 10.96 13.41 -19.22
N LEU B 125 12.17 13.13 -18.73
CA LEU B 125 12.76 13.89 -17.63
C LEU B 125 13.16 15.30 -18.07
N GLU B 126 13.37 15.44 -19.39
CA GLU B 126 13.82 16.69 -20.01
C GLU B 126 12.68 17.71 -20.03
N LYS B 127 11.46 17.24 -19.79
CA LYS B 127 10.29 18.11 -19.77
C LYS B 127 9.85 18.34 -18.34
N MET B 128 10.80 18.20 -17.44
CA MET B 128 10.49 18.25 -16.01
C MET B 128 11.45 19.19 -15.36
N VAL B 129 12.13 19.94 -16.21
CA VAL B 129 13.00 21.05 -15.80
C VAL B 129 12.19 22.31 -15.61
N ILE B 130 12.54 23.09 -14.57
CA ILE B 130 11.84 24.33 -14.29
C ILE B 130 12.85 25.49 -14.41
N VAL B 131 13.95 25.40 -13.68
CA VAL B 131 15.10 26.28 -13.88
C VAL B 131 16.25 25.31 -14.11
N PRO B 132 16.82 25.26 -15.34
CA PRO B 132 17.91 24.32 -15.69
C PRO B 132 19.14 24.33 -14.76
N GLY B 133 19.42 23.19 -14.13
CA GLY B 133 20.62 23.07 -13.32
C GLY B 133 20.39 23.39 -11.86
N LYS B 134 19.13 23.70 -11.53
CA LYS B 134 18.81 24.31 -10.26
C LYS B 134 17.50 23.76 -9.67
N ILE B 135 16.45 23.63 -10.48
CA ILE B 135 15.12 23.30 -9.96
C ILE B 135 14.41 22.44 -10.96
N VAL B 136 14.21 21.17 -10.61
CA VAL B 136 13.53 20.25 -11.49
C VAL B 136 12.35 19.62 -10.76
N ARG B 137 11.50 18.93 -11.50
CA ARG B 137 10.46 18.13 -10.93
C ARG B 137 11.18 16.85 -10.49
N VAL B 138 11.01 16.47 -9.23
CA VAL B 138 11.49 15.21 -8.70
C VAL B 138 10.34 14.25 -8.51
N VAL B 139 10.36 13.14 -9.23
CA VAL B 139 9.23 12.17 -9.21
C VAL B 139 9.55 10.86 -8.42
N PHE B 140 8.73 10.59 -7.41
CA PHE B 140 8.94 9.40 -6.60
C PHE B 140 7.89 8.40 -7.01
N ILE B 141 8.35 7.26 -7.53
CA ILE B 141 7.47 6.14 -7.77
C ILE B 141 7.65 5.20 -6.59
N ASP B 142 6.65 5.16 -5.72
CA ASP B 142 6.79 4.35 -4.57
C ASP B 142 5.83 3.26 -4.74
N VAL B 143 6.34 2.04 -4.67
CA VAL B 143 5.56 0.91 -5.05
C VAL B 143 5.35 0.16 -3.77
N HIS B 144 4.08 0.07 -3.38
CA HIS B 144 3.70 -0.64 -2.20
C HIS B 144 3.11 -1.95 -2.58
N VAL B 145 3.85 -3.02 -2.40
CA VAL B 145 3.36 -4.35 -2.79
C VAL B 145 2.41 -4.79 -1.71
N LEU B 146 1.14 -5.07 -2.05
CA LEU B 146 0.20 -5.36 -0.96
C LEU B 146 -0.04 -6.86 -0.63
N ASP B 147 0.27 -7.74 -1.59
CA ASP B 147 -0.18 -9.15 -1.56
C ASP B 147 0.57 -9.76 -2.68
N HIS B 148 1.48 -10.65 -2.33
CA HIS B 148 2.35 -11.22 -3.30
C HIS B 148 1.81 -12.60 -3.68
N ASP B 149 1.31 -12.68 -4.88
CA ASP B 149 0.81 -13.94 -5.33
C ASP B 149 1.34 -14.23 -6.71
N GLY B 150 2.54 -13.74 -7.02
CA GLY B 150 3.21 -14.03 -8.27
C GLY B 150 3.33 -12.86 -9.24
N ASN B 151 4.41 -12.84 -10.00
CA ASN B 151 4.57 -11.87 -11.05
C ASN B 151 4.36 -10.48 -10.56
N LEU B 152 5.25 -10.13 -9.65
CA LEU B 152 5.25 -8.86 -9.02
C LEU B 152 5.88 -7.86 -10.03
N MET B 153 6.88 -8.33 -10.80
CA MET B 153 7.50 -7.52 -11.80
C MET B 153 6.43 -6.90 -12.67
N ASP B 154 5.57 -7.69 -13.26
CA ASP B 154 4.54 -7.13 -14.12
C ASP B 154 3.54 -6.30 -13.36
N ALA B 155 3.01 -6.81 -12.24
CA ALA B 155 2.10 -6.01 -11.37
C ALA B 155 2.60 -4.61 -11.17
N ILE B 156 3.89 -4.47 -10.78
CA ILE B 156 4.54 -3.22 -10.45
C ILE B 156 4.82 -2.31 -11.64
N GLY B 157 5.28 -2.86 -12.78
CA GLY B 157 5.60 -2.05 -13.91
C GLY B 157 4.30 -1.51 -14.50
N ILE B 158 3.28 -2.35 -14.53
CA ILE B 158 1.93 -1.94 -14.88
C ILE B 158 1.40 -0.83 -13.95
N ALA B 159 1.43 -1.06 -12.65
CA ALA B 159 0.99 -0.01 -11.74
C ALA B 159 1.86 1.27 -11.75
N ALA B 160 3.18 1.14 -11.99
CA ALA B 160 4.08 2.28 -12.04
C ALA B 160 3.66 3.12 -13.21
N ILE B 161 3.69 2.53 -14.42
CA ILE B 161 3.35 3.30 -15.61
C ILE B 161 1.90 3.84 -15.52
N ALA B 162 0.97 3.04 -14.99
CA ALA B 162 -0.41 3.54 -14.92
C ALA B 162 -0.55 4.72 -13.97
N ALA B 163 0.19 4.66 -12.84
CA ALA B 163 0.27 5.73 -11.83
C ALA B 163 0.89 6.97 -12.42
N LEU B 164 1.96 6.80 -13.19
CA LEU B 164 2.58 7.92 -13.91
C LEU B 164 1.58 8.58 -14.86
N LEU B 165 0.85 7.79 -15.67
CA LEU B 165 -0.18 8.32 -16.59
C LEU B 165 -1.26 9.04 -15.86
N ASN B 166 -1.58 8.54 -14.69
CA ASN B 166 -2.62 9.11 -13.82
C ASN B 166 -2.16 10.36 -13.10
N ALA B 167 -0.87 10.58 -13.07
CA ALA B 167 -0.32 11.63 -12.26
C ALA B 167 -0.75 12.96 -12.80
N ARG B 168 -1.07 13.85 -11.87
CA ARG B 168 -1.37 15.23 -12.11
C ARG B 168 -0.59 16.01 -11.05
N VAL B 169 0.40 16.75 -11.52
CA VAL B 169 1.36 17.44 -10.70
C VAL B 169 1.03 18.91 -10.80
N PRO B 170 1.34 19.69 -9.75
CA PRO B 170 1.05 21.14 -9.73
C PRO B 170 1.82 21.88 -10.81
N LYS B 171 1.13 22.78 -11.50
CA LYS B 171 1.77 23.61 -12.48
C LYS B 171 2.74 24.48 -11.72
N VAL B 172 3.94 24.52 -12.25
CA VAL B 172 4.99 25.31 -11.71
C VAL B 172 5.33 26.38 -12.77
N ARG B 173 5.56 27.61 -12.35
CA ARG B 173 6.20 28.54 -13.25
C ARG B 173 7.24 29.39 -12.57
N TYR B 174 8.39 29.44 -13.22
CA TYR B 174 9.43 30.41 -12.89
C TYR B 174 8.92 31.80 -13.22
N ASN B 175 8.73 32.61 -12.18
CA ASN B 175 8.51 34.04 -12.31
C ASN B 175 9.81 34.70 -12.73
N GLU B 176 10.03 34.80 -14.03
CA GLU B 176 11.26 35.37 -14.57
C GLU B 176 11.68 36.72 -13.97
N GLU B 177 10.77 37.35 -13.22
CA GLU B 177 10.93 38.76 -12.76
C GLU B 177 11.32 38.86 -11.28
N THR B 178 10.98 37.86 -10.48
CA THR B 178 11.45 37.80 -9.10
C THR B 178 12.57 36.79 -9.01
N GLY B 179 12.44 35.71 -9.77
CA GLY B 179 13.30 34.54 -9.61
C GLY B 179 12.63 33.52 -8.71
N GLU B 180 11.41 33.84 -8.29
CA GLU B 180 10.58 32.95 -7.48
C GLU B 180 10.02 31.84 -8.37
N VAL B 181 9.80 30.68 -7.76
CA VAL B 181 9.16 29.57 -8.43
C VAL B 181 7.79 29.42 -7.79
N GLU B 182 6.74 29.51 -8.60
CA GLU B 182 5.35 29.46 -8.11
C GLU B 182 4.73 28.13 -8.47
N THR B 183 4.49 27.32 -7.45
CA THR B 183 3.57 26.21 -7.51
C THR B 183 2.15 26.81 -7.58
N LEU B 184 1.37 26.34 -8.56
CA LEU B 184 0.02 26.83 -8.74
C LEU B 184 -0.99 25.73 -8.43
N ASP B 185 -2.23 26.15 -8.17
CA ASP B 185 -3.36 25.22 -7.90
C ASP B 185 -3.76 24.38 -9.11
N GLU B 186 -3.56 24.90 -10.33
CA GLU B 186 -3.78 24.13 -11.54
C GLU B 186 -2.78 22.99 -11.62
N THR B 187 -3.26 21.83 -12.03
CA THR B 187 -2.39 20.66 -12.12
C THR B 187 -2.22 20.28 -13.59
N GLU B 188 -1.16 19.57 -13.89
CA GLU B 188 -0.99 19.09 -15.24
C GLU B 188 -0.50 17.68 -15.17
N PRO B 189 -0.61 16.97 -16.29
CA PRO B 189 0.01 15.65 -16.41
C PRO B 189 1.51 15.69 -16.25
N LEU B 190 2.11 14.53 -16.02
CA LEU B 190 3.58 14.41 -16.12
C LEU B 190 3.85 14.28 -17.63
N PRO B 191 5.09 14.53 -18.10
CA PRO B 191 5.35 14.21 -19.54
C PRO B 191 5.57 12.71 -19.74
N VAL B 192 4.47 11.97 -19.76
CA VAL B 192 4.48 10.53 -20.00
C VAL B 192 4.19 10.28 -21.45
N GLU B 193 5.19 9.75 -22.13
CA GLU B 193 5.22 9.73 -23.53
C GLU B 193 5.20 8.35 -24.15
N LYS B 194 5.26 7.31 -23.31
CA LYS B 194 5.31 5.92 -23.77
C LYS B 194 4.70 5.16 -22.63
N ILE B 195 4.34 3.91 -22.85
CA ILE B 195 3.71 3.14 -21.81
C ILE B 195 4.42 1.81 -21.77
N PRO B 196 5.66 1.78 -21.19
CA PRO B 196 6.34 0.52 -21.06
C PRO B 196 5.55 -0.45 -20.13
N VAL B 197 5.48 -1.72 -20.54
CA VAL B 197 4.81 -2.77 -19.76
C VAL B 197 5.78 -3.92 -19.68
N PRO B 198 6.17 -4.35 -18.46
CA PRO B 198 6.99 -5.55 -18.47
C PRO B 198 6.09 -6.72 -18.72
N VAL B 199 6.57 -7.67 -19.49
CA VAL B 199 5.90 -8.95 -19.51
C VAL B 199 6.85 -10.00 -19.10
N THR B 200 6.39 -10.88 -18.24
CA THR B 200 7.27 -11.79 -17.61
C THR B 200 6.86 -13.22 -17.72
N PHE B 201 7.86 -14.04 -17.94
CA PHE B 201 7.64 -15.45 -18.19
C PHE B 201 8.41 -16.23 -17.16
N ALA B 202 7.83 -17.32 -16.66
CA ALA B 202 8.55 -18.33 -15.90
C ALA B 202 8.85 -19.49 -16.83
N LYS B 203 10.08 -19.99 -16.81
CA LYS B 203 10.42 -21.24 -17.42
C LYS B 203 10.27 -22.35 -16.38
N ILE B 204 9.44 -23.33 -16.73
CA ILE B 204 9.18 -24.52 -15.91
C ILE B 204 9.42 -25.69 -16.83
N GLY B 205 10.53 -26.37 -16.62
CA GLY B 205 11.00 -27.39 -17.54
C GLY B 205 11.38 -26.64 -18.79
N ASN B 206 10.80 -27.06 -19.92
CA ASN B 206 11.05 -26.44 -21.24
C ASN B 206 9.88 -25.63 -21.78
N ILE B 207 9.04 -25.16 -20.86
CA ILE B 207 7.85 -24.43 -21.22
C ILE B 207 7.96 -23.05 -20.55
N LEU B 208 7.78 -21.94 -21.30
CA LEU B 208 7.62 -20.59 -20.66
C LEU B 208 6.15 -20.29 -20.56
N VAL B 209 5.78 -19.74 -19.41
CA VAL B 209 4.39 -19.52 -19.09
C VAL B 209 4.31 -18.04 -18.65
N VAL B 210 3.48 -17.22 -19.29
CA VAL B 210 3.38 -15.82 -18.92
C VAL B 210 2.67 -15.65 -17.59
N ASP B 211 3.07 -14.61 -16.89
CA ASP B 211 2.47 -14.21 -15.64
C ASP B 211 2.45 -15.37 -14.65
N PRO B 212 3.63 -15.81 -14.20
CA PRO B 212 3.60 -16.92 -13.28
C PRO B 212 2.92 -16.55 -11.94
N SER B 213 2.09 -17.43 -11.42
CA SER B 213 1.51 -17.17 -10.12
C SER B 213 2.59 -17.53 -9.10
N LEU B 214 2.34 -17.24 -7.80
CA LEU B 214 3.24 -17.73 -6.76
C LEU B 214 3.50 -19.25 -6.89
N ASP B 215 2.44 -20.07 -6.87
CA ASP B 215 2.60 -21.52 -7.09
C ASP B 215 3.57 -21.85 -8.25
N GLU B 216 3.53 -21.10 -9.36
CA GLU B 216 4.47 -21.40 -10.47
C GLU B 216 5.87 -20.86 -10.23
N GLU B 217 5.96 -19.78 -9.47
CA GLU B 217 7.25 -19.24 -9.09
C GLU B 217 7.95 -20.16 -8.18
N LEU B 218 7.21 -20.82 -7.32
CA LEU B 218 7.85 -21.77 -6.44
C LEU B 218 8.47 -22.94 -7.19
N VAL B 219 7.90 -23.29 -8.32
CA VAL B 219 8.39 -24.43 -9.07
C VAL B 219 9.21 -24.07 -10.30
N MET B 220 9.28 -22.80 -10.67
CA MET B 220 9.91 -22.42 -11.90
C MET B 220 11.43 -22.57 -11.86
N ASP B 221 12.02 -22.70 -13.04
CA ASP B 221 13.47 -22.82 -13.20
C ASP B 221 14.11 -21.43 -13.29
N GLY B 222 13.47 -20.54 -14.01
CA GLY B 222 14.00 -19.21 -14.19
C GLY B 222 12.87 -18.33 -14.65
N LYS B 223 13.19 -17.06 -14.87
CA LYS B 223 12.17 -16.09 -15.19
C LYS B 223 12.84 -15.14 -16.10
N ILE B 224 12.07 -14.54 -16.99
CA ILE B 224 12.59 -13.54 -17.90
C ILE B 224 11.49 -12.57 -18.08
N THR B 225 11.87 -11.31 -18.08
CA THR B 225 10.97 -10.18 -18.17
C THR B 225 11.43 -9.36 -19.33
N ILE B 226 10.48 -9.09 -20.23
CA ILE B 226 10.68 -8.21 -21.41
C ILE B 226 9.74 -7.05 -21.28
N THR B 227 10.32 -5.87 -21.36
CA THR B 227 9.58 -4.66 -21.18
C THR B 227 9.58 -3.92 -22.47
N THR B 228 8.40 -3.61 -22.97
CA THR B 228 8.29 -3.08 -24.31
C THR B 228 7.35 -1.90 -24.30
N ASP B 229 7.48 -0.95 -25.24
CA ASP B 229 6.46 0.12 -25.33
C ASP B 229 5.65 -0.01 -26.60
N GLU B 230 4.80 0.98 -26.90
CA GLU B 230 3.96 1.01 -28.09
C GLU B 230 4.82 1.08 -29.33
N THR B 231 6.06 1.54 -29.20
CA THR B 231 6.86 1.83 -30.41
C THR B 231 7.48 0.59 -31.02
N GLY B 232 7.36 -0.54 -30.36
CA GLY B 232 8.02 -1.69 -30.85
C GLY B 232 9.42 -1.72 -30.28
N HIS B 233 9.67 -1.00 -29.21
CA HIS B 233 11.00 -1.03 -28.62
C HIS B 233 10.97 -1.74 -27.28
N ILE B 234 12.13 -2.28 -26.91
CA ILE B 234 12.26 -2.99 -25.65
C ILE B 234 13.08 -2.02 -24.88
N SER B 235 12.61 -1.63 -23.69
CA SER B 235 13.39 -0.78 -22.77
C SER B 235 14.02 -1.53 -21.62
N ALA B 236 13.71 -2.83 -21.44
CA ALA B 236 14.37 -3.68 -20.42
C ALA B 236 14.09 -5.12 -20.67
N VAL B 237 15.12 -5.90 -20.35
CA VAL B 237 15.06 -7.32 -20.27
C VAL B 237 15.78 -7.65 -18.99
N GLN B 238 15.16 -8.54 -18.23
CA GLN B 238 15.74 -9.10 -17.06
C GLN B 238 15.37 -10.58 -16.91
N LYS B 239 16.34 -11.43 -17.18
CA LYS B 239 16.34 -12.77 -16.68
C LYS B 239 16.70 -12.62 -15.21
N SER B 240 15.83 -13.20 -14.36
CA SER B 240 15.95 -13.16 -12.94
C SER B 240 15.83 -14.58 -12.40
N GLU B 241 16.31 -14.79 -11.19
CA GLU B 241 16.39 -16.12 -10.59
C GLU B 241 17.41 -16.99 -11.36
N GLY B 242 17.35 -18.31 -11.19
CA GLY B 242 18.35 -19.18 -11.79
C GLY B 242 17.80 -19.71 -13.09
N GLY B 243 18.24 -20.89 -13.48
CA GLY B 243 17.74 -21.48 -14.68
C GLY B 243 18.51 -20.90 -15.83
N ALA B 244 18.17 -21.34 -17.03
CA ALA B 244 18.80 -20.92 -18.24
C ALA B 244 17.70 -20.84 -19.29
N PHE B 245 17.91 -19.97 -20.29
CA PHE B 245 17.03 -19.90 -21.46
C PHE B 245 17.83 -20.16 -22.70
N LYS B 246 17.18 -20.76 -23.69
CA LYS B 246 17.77 -20.91 -25.00
C LYS B 246 17.52 -19.59 -25.71
N LEU B 247 18.41 -19.25 -26.64
CA LEU B 247 18.29 -18.00 -27.38
C LEU B 247 16.85 -17.85 -27.91
N GLU B 248 16.27 -18.96 -28.36
CA GLU B 248 15.02 -18.96 -29.11
C GLU B 248 13.88 -18.98 -28.17
N GLU B 249 14.17 -18.99 -26.88
CA GLU B 249 13.12 -18.90 -25.86
C GLU B 249 12.97 -17.43 -25.54
N VAL B 250 14.11 -16.77 -25.52
CA VAL B 250 14.21 -15.33 -25.49
C VAL B 250 13.45 -14.69 -26.67
N MET B 251 13.81 -15.08 -27.88
CA MET B 251 13.08 -14.69 -29.08
C MET B 251 11.55 -14.84 -28.89
N TYR B 252 11.10 -16.04 -28.58
CA TYR B 252 9.68 -16.27 -28.31
C TYR B 252 9.17 -15.25 -27.29
N ALA B 253 9.86 -15.15 -26.15
CA ALA B 253 9.45 -14.29 -25.02
C ALA B 253 9.36 -12.81 -25.40
N VAL B 254 10.34 -12.35 -26.17
CA VAL B 254 10.39 -10.95 -26.65
C VAL B 254 9.16 -10.64 -27.47
N GLU B 255 8.79 -11.57 -28.32
CA GLU B 255 7.65 -11.48 -29.22
C GLU B 255 6.31 -11.55 -28.52
N THR B 256 6.15 -12.57 -27.69
CA THR B 256 4.98 -12.77 -26.89
C THR B 256 4.75 -11.59 -25.95
N ALA B 257 5.84 -11.15 -25.29
CA ALA B 257 5.90 -9.95 -24.46
C ALA B 257 5.31 -8.75 -25.20
N PHE B 258 5.66 -8.60 -26.47
CA PHE B 258 5.21 -7.44 -27.22
C PHE B 258 3.71 -7.43 -27.39
N LYS B 259 3.12 -8.63 -27.46
CA LYS B 259 1.69 -8.86 -27.71
C LYS B 259 0.91 -8.76 -26.42
N LYS B 260 1.51 -9.27 -25.38
CA LYS B 260 0.93 -9.22 -24.06
C LYS B 260 0.88 -7.76 -23.54
N ALA B 261 2.02 -7.09 -23.64
CA ALA B 261 2.14 -5.64 -23.53
C ALA B 261 1.02 -4.85 -24.21
N GLU B 262 0.74 -5.11 -25.49
CA GLU B 262 -0.25 -4.30 -26.19
C GLU B 262 -1.61 -4.50 -25.57
N GLU B 263 -1.86 -5.71 -25.06
CA GLU B 263 -3.15 -6.10 -24.43
C GLU B 263 -3.35 -5.44 -23.07
N ILE B 264 -2.30 -5.50 -22.22
CA ILE B 264 -2.20 -4.76 -20.99
C ILE B 264 -2.28 -3.27 -21.28
N ARG B 265 -1.53 -2.81 -22.28
CA ARG B 265 -1.39 -1.34 -22.52
C ARG B 265 -2.77 -0.76 -22.60
N LYS B 266 -3.67 -1.45 -23.34
CA LYS B 266 -5.09 -1.09 -23.47
C LYS B 266 -5.85 -1.01 -22.15
N LEU B 267 -5.66 -2.01 -21.29
CA LEU B 267 -6.21 -1.99 -19.92
C LEU B 267 -5.71 -0.81 -19.09
N ILE B 268 -4.41 -0.52 -19.18
CA ILE B 268 -3.80 0.66 -18.55
C ILE B 268 -4.44 1.96 -19.06
N LEU B 269 -4.52 2.12 -20.37
CA LEU B 269 -5.07 3.35 -20.92
C LEU B 269 -6.55 3.50 -20.57
N GLU B 270 -7.28 2.38 -20.52
CA GLU B 270 -8.70 2.38 -20.19
C GLU B 270 -8.87 2.71 -18.71
N ALA B 271 -7.94 2.29 -17.86
CA ALA B 271 -8.04 2.63 -16.44
C ALA B 271 -7.71 4.08 -16.20
N VAL B 272 -6.75 4.58 -16.96
CA VAL B 272 -6.28 5.97 -16.85
C VAL B 272 -7.36 6.95 -17.26
N GLU B 273 -8.05 6.63 -18.36
CA GLU B 273 -9.18 7.39 -18.91
C GLU B 273 -10.44 7.28 -18.07
N LYS B 274 -10.77 6.10 -17.59
CA LYS B 274 -11.83 5.97 -16.60
C LYS B 274 -11.69 6.94 -15.42
N ALA B 275 -10.48 7.23 -14.97
CA ALA B 275 -10.28 8.02 -13.73
C ALA B 275 -10.48 9.52 -13.92
N LYS B 276 -10.43 9.97 -15.15
CA LYS B 276 -10.86 11.33 -15.50
C LYS B 276 -12.39 11.50 -15.63
N GLN B 277 -13.14 10.38 -15.56
CA GLN B 277 -14.61 10.34 -15.76
C GLN B 277 -15.43 11.08 -14.70
#